data_7EH9
#
_entry.id   7EH9
#
_cell.length_a   75.9852
_cell.length_b   104.323
_cell.length_c   43.867
_cell.angle_alpha   90.0
_cell.angle_beta   90.0
_cell.angle_gamma   90.0
#
_symmetry.space_group_name_H-M   'P 21 21 2'
#
loop_
_entity.id
_entity.type
_entity.pdbx_description
1 polymer 'Basal-body rod modification protein FlgD'
2 water water
#
_entity_poly.entity_id   1
_entity_poly.type   'polypeptide(L)'
_entity_poly.pdbx_seq_one_letter_code
;MGSSHHHHHHSSGLVPRGSHMLNTTLGAISGQIDNSQSLQATTLIGHGVMVPGTTILAGKGAEEGAVTSTTPFGVELQQP
ADKVTATITDKDGRVVRTLEIGELRAGVHTFTWDGKQTDGTTVPNGSYNIAITASNGGTQLVAQPLQFALVQGVTKGSNG
NLLDLGTYGTTTLDEVRQII
;
_entity_poly.pdbx_strand_id   A,B
#
# COMPACT_ATOMS: atom_id res chain seq x y z
N SER A 38 32.96 -1.51 0.62
CA SER A 38 32.81 -1.32 2.05
C SER A 38 32.83 0.17 2.45
N LEU A 39 33.80 0.91 1.92
CA LEU A 39 33.90 2.34 2.21
C LEU A 39 32.64 3.06 1.78
N GLN A 40 32.12 2.69 0.61
CA GLN A 40 30.97 3.42 0.07
C GLN A 40 29.68 3.01 0.78
N ALA A 41 29.58 1.76 1.21
CA ALA A 41 28.40 1.30 1.91
C ALA A 41 28.34 1.88 3.33
N THR A 42 29.50 1.92 4.00
CA THR A 42 29.57 2.27 5.41
C THR A 42 29.26 3.75 5.70
N THR A 43 29.61 4.63 4.76
CA THR A 43 29.36 6.04 5.01
C THR A 43 27.91 6.44 4.76
N LEU A 44 27.08 5.49 4.32
CA LEU A 44 25.65 5.76 4.18
C LEU A 44 24.91 5.59 5.50
N ILE A 45 25.51 4.85 6.43
CA ILE A 45 24.87 4.60 7.71
C ILE A 45 24.54 5.93 8.38
N GLY A 46 23.30 6.05 8.86
CA GLY A 46 22.83 7.28 9.47
C GLY A 46 22.19 8.24 8.48
N HIS A 47 22.37 8.00 7.18
CA HIS A 47 21.68 8.80 6.17
C HIS A 47 20.36 8.16 5.71
N GLY A 48 19.51 8.96 5.09
CA GLY A 48 18.33 8.40 4.46
C GLY A 48 18.67 8.04 3.04
N VAL A 49 18.02 7.01 2.51
CA VAL A 49 18.15 6.71 1.09
C VAL A 49 16.77 6.59 0.47
N MET A 50 16.67 6.97 -0.81
CA MET A 50 15.47 6.78 -1.61
C MET A 50 15.63 5.48 -2.39
N VAL A 51 14.76 4.51 -2.11
CA VAL A 51 14.86 3.19 -2.72
C VAL A 51 13.48 2.82 -3.23
N PRO A 52 13.38 1.80 -4.11
CA PRO A 52 12.06 1.40 -4.60
C PRO A 52 11.10 1.07 -3.48
N GLY A 53 9.87 1.54 -3.58
CA GLY A 53 8.85 1.30 -2.57
C GLY A 53 7.86 2.43 -2.60
N THR A 54 6.81 2.33 -1.79
CA THR A 54 5.69 3.25 -1.84
C THR A 54 5.36 3.86 -0.50
N THR A 55 6.11 3.48 0.53
CA THR A 55 5.73 3.85 1.89
C THR A 55 6.08 5.28 2.23
N ILE A 56 5.12 5.98 2.81
CA ILE A 56 5.37 7.27 3.42
C ILE A 56 4.93 7.23 4.89
N LEU A 57 5.80 7.70 5.78
CA LEU A 57 5.46 7.76 7.18
C LEU A 57 5.01 9.17 7.54
N ALA A 58 3.92 9.28 8.30
CA ALA A 58 3.48 10.58 8.80
C ALA A 58 3.51 10.62 10.33
N GLY A 59 3.93 11.76 10.88
CA GLY A 59 3.94 11.96 12.32
C GLY A 59 4.37 13.34 12.80
N LYS A 60 4.33 13.54 14.12
CA LYS A 60 4.74 14.78 14.76
C LYS A 60 5.93 14.55 15.67
N GLY A 61 6.77 15.57 15.87
CA GLY A 61 7.80 15.52 16.90
C GLY A 61 7.17 15.57 18.28
N ALA A 62 7.95 15.24 19.31
CA ALA A 62 7.43 15.18 20.67
C ALA A 62 7.36 16.55 21.32
N GLU A 63 7.91 17.56 20.65
CA GLU A 63 7.98 18.91 21.22
C GLU A 63 6.67 19.68 21.10
N GLU A 64 6.51 20.68 21.96
CA GLU A 64 5.37 21.58 21.93
C GLU A 64 5.30 22.32 20.60
N GLY A 65 4.14 22.29 19.96
CA GLY A 65 3.93 22.95 18.69
C GLY A 65 4.26 22.12 17.45
N ALA A 66 4.73 20.90 17.64
CA ALA A 66 5.14 20.04 16.52
C ALA A 66 4.05 19.92 15.46
N VAL A 67 4.45 20.16 14.21
CA VAL A 67 3.58 20.04 13.06
C VAL A 67 3.86 18.69 12.40
N THR A 68 2.81 18.05 11.86
CA THR A 68 2.97 16.79 11.12
C THR A 68 3.92 16.95 9.94
N SER A 69 4.88 16.04 9.80
CA SER A 69 5.71 15.99 8.61
C SER A 69 5.69 14.57 8.05
N THR A 70 6.04 14.44 6.77
CA THR A 70 6.05 13.15 6.12
C THR A 70 7.42 12.89 5.52
N THR A 71 7.78 11.62 5.38
CA THR A 71 9.07 11.27 4.81
C THR A 71 8.95 11.40 3.29
N PRO A 72 9.99 11.90 2.63
CA PRO A 72 9.93 12.16 1.18
C PRO A 72 9.59 10.93 0.33
N PHE A 73 9.02 11.15 -0.85
CA PHE A 73 8.84 10.05 -1.79
C PHE A 73 9.47 10.47 -3.10
N GLY A 74 9.62 9.54 -4.03
CA GLY A 74 10.15 9.90 -5.33
C GLY A 74 9.60 9.07 -6.48
N VAL A 75 10.08 9.37 -7.67
CA VAL A 75 9.76 8.59 -8.85
C VAL A 75 10.97 8.59 -9.77
N GLU A 76 11.29 7.43 -10.33
CA GLU A 76 12.32 7.35 -11.34
C GLU A 76 11.66 7.15 -12.70
N LEU A 77 11.97 8.03 -13.64
CA LEU A 77 11.43 7.93 -14.98
C LEU A 77 12.55 7.68 -15.98
N GLN A 78 12.38 6.67 -16.82
CA GLN A 78 13.36 6.38 -17.86
C GLN A 78 13.20 7.35 -19.02
N GLN A 79 11.95 7.77 -19.23
CA GLN A 79 11.63 8.78 -20.24
C GLN A 79 10.99 9.99 -19.56
N PRO A 80 11.03 11.17 -20.20
CA PRO A 80 10.42 12.34 -19.56
C PRO A 80 8.90 12.24 -19.55
N ALA A 81 8.25 12.87 -18.58
CA ALA A 81 6.80 12.73 -18.43
C ALA A 81 6.03 14.03 -18.60
N ASP A 82 4.94 13.94 -19.35
CA ASP A 82 4.04 15.05 -19.64
C ASP A 82 3.21 15.40 -18.40
N LYS A 83 2.51 14.41 -17.88
CA LYS A 83 1.80 14.57 -16.60
C LYS A 83 2.15 13.43 -15.65
N VAL A 84 2.23 13.75 -14.36
CA VAL A 84 2.54 12.77 -13.33
C VAL A 84 1.51 12.83 -12.21
N THR A 85 0.87 11.69 -11.93
CA THR A 85 -0.15 11.64 -10.90
C THR A 85 0.22 10.66 -9.78
N ALA A 86 -0.07 11.05 -8.55
CA ALA A 86 0.23 10.24 -7.37
C ALA A 86 -1.01 10.08 -6.50
N THR A 87 -1.35 8.84 -6.18
CA THR A 87 -2.45 8.55 -5.27
C THR A 87 -1.88 8.02 -3.97
N ILE A 88 -2.33 8.60 -2.86
CA ILE A 88 -1.88 8.22 -1.53
C ILE A 88 -3.00 7.57 -0.73
N THR A 89 -2.75 6.35 -0.23
CA THR A 89 -3.74 5.60 0.52
C THR A 89 -3.31 5.43 1.97
N ASP A 90 -4.27 5.20 2.89
CA ASP A 90 -3.91 4.91 4.27
C ASP A 90 -3.84 3.40 4.44
N LYS A 91 -3.67 2.92 5.68
CA LYS A 91 -3.44 1.50 5.89
C LYS A 91 -4.66 0.67 5.52
N ASP A 92 -5.84 1.29 5.61
CA ASP A 92 -7.09 0.61 5.26
C ASP A 92 -7.27 0.64 3.77
N GLY A 93 -6.37 1.34 3.09
CA GLY A 93 -6.38 1.39 1.64
C GLY A 93 -7.28 2.46 1.07
N ARG A 94 -7.75 3.35 1.93
CA ARG A 94 -8.57 4.48 1.48
C ARG A 94 -7.70 5.60 0.93
N VAL A 95 -8.09 6.13 -0.22
CA VAL A 95 -7.38 7.24 -0.84
C VAL A 95 -7.59 8.49 0.00
N VAL A 96 -6.52 9.04 0.55
CA VAL A 96 -6.68 10.25 1.36
C VAL A 96 -6.21 11.49 0.60
N ARG A 97 -5.51 11.28 -0.52
CA ARG A 97 -5.05 12.40 -1.34
C ARG A 97 -4.59 11.93 -2.72
N THR A 98 -4.98 12.66 -3.74
CA THR A 98 -4.45 12.44 -5.08
C THR A 98 -3.62 13.65 -5.48
N LEU A 99 -2.36 13.42 -5.77
CA LEU A 99 -1.45 14.51 -6.09
C LEU A 99 -1.27 14.67 -7.60
N GLU A 100 -1.29 15.92 -8.04
CA GLU A 100 -0.95 16.28 -9.40
C GLU A 100 0.48 16.80 -9.38
N ILE A 101 1.42 15.98 -9.86
CA ILE A 101 2.83 16.36 -9.76
C ILE A 101 3.27 17.20 -10.96
N GLY A 102 2.83 16.80 -12.15
CA GLY A 102 3.04 17.61 -13.33
C GLY A 102 4.12 17.08 -14.24
N GLU A 103 4.74 17.99 -14.99
CA GLU A 103 5.80 17.64 -15.93
C GLU A 103 7.13 17.36 -15.22
N LEU A 104 7.78 16.28 -15.61
CA LEU A 104 9.08 15.92 -15.04
C LEU A 104 10.02 15.39 -16.11
N ARG A 105 11.28 15.81 -16.06
CA ARG A 105 12.27 15.24 -16.96
C ARG A 105 12.61 13.82 -16.51
N ALA A 106 13.32 13.09 -17.37
CA ALA A 106 13.77 11.75 -17.04
C ALA A 106 14.68 11.79 -15.83
N GLY A 107 14.81 10.65 -15.14
CA GLY A 107 15.72 10.55 -14.02
C GLY A 107 15.01 10.49 -12.68
N VAL A 108 15.74 10.84 -11.62
CA VAL A 108 15.24 10.72 -10.25
C VAL A 108 14.68 12.06 -9.75
N HIS A 109 13.54 11.99 -9.07
CA HIS A 109 12.91 13.19 -8.52
C HIS A 109 12.38 12.89 -7.13
N THR A 110 12.48 13.83 -6.21
CA THR A 110 11.91 13.59 -4.89
C THR A 110 10.99 14.71 -4.45
N PHE A 111 10.08 14.37 -3.55
CA PHE A 111 9.05 15.31 -3.11
C PHE A 111 8.71 15.05 -1.66
N THR A 112 8.19 16.07 -0.98
CA THR A 112 7.61 15.86 0.35
C THR A 112 6.15 16.28 0.39
N TRP A 113 5.30 15.34 0.76
CA TRP A 113 3.87 15.58 0.93
C TRP A 113 3.62 16.36 2.22
N ASP A 114 2.67 17.29 2.22
CA ASP A 114 2.41 18.09 3.44
C ASP A 114 1.61 17.33 4.48
N GLY A 115 1.17 16.12 4.15
CA GLY A 115 0.43 15.28 5.08
C GLY A 115 -1.02 15.66 5.25
N LYS A 116 -1.53 16.50 4.36
CA LYS A 116 -2.93 16.90 4.44
C LYS A 116 -3.79 16.11 3.46
N GLN A 117 -4.97 15.68 3.91
CA GLN A 117 -5.94 15.01 3.05
C GLN A 117 -6.57 15.92 2.01
N THR A 118 -7.35 15.33 1.11
CA THR A 118 -8.01 16.09 0.05
C THR A 118 -9.05 17.09 0.60
N ASP A 119 -9.39 16.97 1.88
CA ASP A 119 -10.30 17.94 2.52
C ASP A 119 -9.60 18.93 3.45
N GLY A 120 -8.27 18.94 3.45
CA GLY A 120 -7.53 19.91 4.23
C GLY A 120 -7.10 19.47 5.63
N THR A 121 -7.79 18.50 6.21
CA THR A 121 -7.40 17.99 7.52
C THR A 121 -6.08 17.21 7.44
N THR A 122 -5.37 17.16 8.55
CA THR A 122 -4.10 16.47 8.59
C THR A 122 -4.32 15.01 8.96
N VAL A 123 -3.54 14.12 8.35
CA VAL A 123 -3.74 12.69 8.56
C VAL A 123 -3.15 12.24 9.88
N PRO A 124 -3.72 11.18 10.46
CA PRO A 124 -3.18 10.61 11.70
C PRO A 124 -1.75 10.11 11.51
N ASN A 125 -1.00 10.06 12.60
CA ASN A 125 0.31 9.42 12.56
C ASN A 125 0.15 7.98 12.05
N GLY A 126 1.03 7.56 11.16
CA GLY A 126 0.99 6.21 10.62
C GLY A 126 1.64 6.07 9.26
N SER A 127 1.45 4.90 8.65
CA SER A 127 2.02 4.59 7.34
C SER A 127 1.04 4.86 6.24
N TYR A 128 1.54 5.38 5.14
CA TYR A 128 0.74 5.64 3.95
C TYR A 128 1.48 5.11 2.75
N ASN A 129 0.76 4.89 1.66
CA ASN A 129 1.34 4.33 0.45
C ASN A 129 1.02 5.15 -0.77
N ILE A 130 2.01 5.27 -1.65
CA ILE A 130 1.85 6.11 -2.81
C ILE A 130 1.86 5.24 -4.06
N ALA A 131 0.98 5.53 -5.01
CA ALA A 131 1.02 4.90 -6.31
C ALA A 131 1.26 5.98 -7.35
N ILE A 132 2.18 5.74 -8.27
CA ILE A 132 2.52 6.78 -9.22
C ILE A 132 2.37 6.27 -10.64
N THR A 133 1.67 7.03 -11.46
CA THR A 133 1.54 6.71 -12.87
C THR A 133 1.95 7.91 -13.70
N ALA A 134 2.51 7.67 -14.88
CA ALA A 134 3.01 8.76 -15.71
C ALA A 134 2.83 8.46 -17.20
N SER A 135 2.65 9.52 -17.99
CA SER A 135 2.44 9.39 -19.42
C SER A 135 3.15 10.51 -20.19
N VAL A 142 6.49 3.88 -17.80
CA VAL A 142 6.73 3.13 -16.58
C VAL A 142 7.32 4.03 -15.50
N ALA A 143 6.84 3.86 -14.28
CA ALA A 143 7.33 4.67 -13.18
C ALA A 143 7.72 3.78 -12.01
N GLN A 144 8.91 4.05 -11.51
CA GLN A 144 9.41 3.40 -10.30
C GLN A 144 9.20 4.34 -9.13
N PRO A 145 8.28 4.00 -8.23
CA PRO A 145 8.16 4.87 -7.05
C PRO A 145 9.32 4.68 -6.11
N LEU A 146 9.65 5.73 -5.37
CA LEU A 146 10.76 5.69 -4.41
C LEU A 146 10.25 6.06 -3.03
N GLN A 147 10.73 5.36 -2.00
CA GLN A 147 10.41 5.71 -0.62
C GLN A 147 11.66 6.02 0.22
N PHE A 148 11.44 6.69 1.35
CA PHE A 148 12.54 7.09 2.24
C PHE A 148 12.82 5.96 3.21
N ALA A 149 14.10 5.62 3.39
CA ALA A 149 14.49 4.68 4.43
C ALA A 149 15.80 5.14 5.09
N LEU A 150 15.92 4.88 6.38
CA LEU A 150 17.13 5.22 7.11
C LEU A 150 18.08 4.04 7.09
N VAL A 151 19.34 4.29 6.77
CA VAL A 151 20.34 3.22 6.79
C VAL A 151 20.78 2.98 8.24
N GLN A 152 20.64 1.74 8.69
CA GLN A 152 20.85 1.42 10.10
C GLN A 152 22.17 0.72 10.37
N GLY A 153 22.71 0.09 9.33
CA GLY A 153 23.97 -0.64 9.41
C GLY A 153 24.24 -1.27 8.05
N VAL A 154 25.28 -2.11 8.00
CA VAL A 154 25.63 -2.84 6.79
C VAL A 154 25.98 -4.28 7.15
N THR A 155 25.82 -5.19 6.20
CA THR A 155 26.15 -6.60 6.43
C THR A 155 27.14 -7.12 5.40
N ASN A 161 28.44 -6.44 0.08
CA ASN A 161 27.86 -5.66 1.18
C ASN A 161 26.40 -5.30 0.94
N LEU A 162 25.63 -5.28 2.01
CA LEU A 162 24.21 -4.97 1.94
C LEU A 162 23.85 -3.91 2.97
N LEU A 163 22.96 -3.00 2.59
CA LEU A 163 22.49 -1.96 3.50
C LEU A 163 21.34 -2.49 4.34
N ASP A 164 21.44 -2.32 5.65
CA ASP A 164 20.30 -2.65 6.50
C ASP A 164 19.43 -1.42 6.69
N LEU A 165 18.18 -1.53 6.23
CA LEU A 165 17.24 -0.42 6.25
C LEU A 165 16.18 -0.59 7.34
N GLY A 166 16.42 -1.54 8.25
CA GLY A 166 15.50 -1.82 9.33
C GLY A 166 14.25 -2.48 8.83
N THR A 167 13.11 -1.85 9.09
CA THR A 167 11.78 -2.31 8.67
C THR A 167 11.68 -2.70 7.19
N TYR A 168 12.33 -1.92 6.34
CA TYR A 168 12.29 -2.12 4.89
C TYR A 168 13.09 -3.36 4.48
N GLY A 169 13.90 -3.89 5.38
CA GLY A 169 14.75 -5.03 5.06
C GLY A 169 16.09 -4.57 4.52
N THR A 170 16.64 -5.31 3.54
CA THR A 170 17.92 -4.95 2.95
C THR A 170 17.83 -4.58 1.49
N THR A 171 18.80 -3.80 1.04
CA THR A 171 18.94 -3.47 -0.38
C THR A 171 20.42 -3.33 -0.70
N THR A 172 20.78 -3.50 -1.97
CA THR A 172 22.16 -3.32 -2.39
C THR A 172 22.41 -1.86 -2.66
N LEU A 173 23.68 -1.50 -2.78
CA LEU A 173 24.06 -0.12 -3.00
C LEU A 173 23.47 0.44 -4.30
N ASP A 174 23.43 -0.38 -5.34
CA ASP A 174 23.03 0.08 -6.67
C ASP A 174 21.53 0.42 -6.75
N GLU A 175 20.76 -0.08 -5.79
CA GLU A 175 19.34 0.20 -5.78
C GLU A 175 19.06 1.56 -5.14
N VAL A 176 20.10 2.20 -4.61
CA VAL A 176 19.94 3.51 -3.99
C VAL A 176 19.87 4.59 -5.07
N ARG A 177 18.78 5.36 -5.09
CA ARG A 177 18.61 6.41 -6.12
C ARG A 177 19.10 7.77 -5.63
N GLN A 178 19.06 7.95 -4.32
CA GLN A 178 19.44 9.23 -3.75
C GLN A 178 19.81 9.04 -2.30
N ILE A 179 20.82 9.78 -1.84
CA ILE A 179 21.24 9.77 -0.46
C ILE A 179 20.95 11.12 0.15
N ILE A 180 20.44 11.14 1.38
CA ILE A 180 19.99 12.38 2.00
C ILE A 180 20.59 12.58 3.40
N SER B 36 -24.21 -9.75 27.68
CA SER B 36 -23.49 -9.74 26.41
C SER B 36 -23.73 -11.02 25.63
N GLN B 37 -24.50 -10.91 24.55
CA GLN B 37 -24.91 -12.09 23.78
C GLN B 37 -24.41 -12.04 22.34
N SER B 38 -23.13 -11.71 22.16
CA SER B 38 -22.53 -11.62 20.83
C SER B 38 -21.77 -12.89 20.44
N LEU B 39 -21.36 -12.96 19.18
CA LEU B 39 -20.63 -14.11 18.66
C LEU B 39 -19.32 -14.39 19.43
N GLN B 40 -19.06 -15.66 19.71
CA GLN B 40 -17.72 -16.06 20.20
C GLN B 40 -16.76 -15.91 19.05
N ALA B 41 -15.79 -15.01 19.19
CA ALA B 41 -14.80 -14.75 18.15
C ALA B 41 -14.02 -16.01 17.78
N THR B 42 -13.96 -16.96 18.71
CA THR B 42 -13.33 -18.25 18.46
C THR B 42 -13.93 -18.96 17.25
N THR B 43 -15.20 -18.72 16.97
CA THR B 43 -15.88 -19.39 15.86
C THR B 43 -15.35 -18.91 14.51
N LEU B 44 -14.66 -17.77 14.51
CA LEU B 44 -14.07 -17.29 13.26
C LEU B 44 -12.70 -17.88 12.94
N ILE B 45 -12.06 -18.50 13.94
CA ILE B 45 -10.70 -19.03 13.73
C ILE B 45 -10.71 -20.08 12.63
N GLY B 46 -9.83 -19.93 11.64
CA GLY B 46 -9.79 -20.88 10.53
C GLY B 46 -10.61 -20.46 9.33
N HIS B 47 -11.41 -19.39 9.47
CA HIS B 47 -12.21 -18.91 8.34
C HIS B 47 -11.49 -17.79 7.61
N GLY B 48 -11.87 -17.58 6.36
CA GLY B 48 -11.48 -16.37 5.66
C GLY B 48 -12.46 -15.29 6.01
N VAL B 49 -11.98 -14.05 6.01
CA VAL B 49 -12.81 -12.87 6.22
C VAL B 49 -12.41 -11.82 5.20
N MET B 50 -13.37 -11.02 4.72
CA MET B 50 -13.07 -9.86 3.91
C MET B 50 -13.02 -8.64 4.83
N VAL B 51 -11.88 -7.95 4.83
CA VAL B 51 -11.66 -6.82 5.74
C VAL B 51 -11.01 -5.68 4.97
N PRO B 52 -11.03 -4.46 5.53
CA PRO B 52 -10.43 -3.32 4.82
C PRO B 52 -8.94 -3.56 4.61
N GLY B 53 -8.43 -3.21 3.43
CA GLY B 53 -7.06 -3.52 3.10
C GLY B 53 -6.91 -3.80 1.61
N THR B 54 -5.67 -3.89 1.18
CA THR B 54 -5.34 -3.80 -0.24
C THR B 54 -4.54 -4.97 -0.76
N THR B 55 -4.24 -5.93 0.10
CA THR B 55 -3.33 -6.99 -0.30
C THR B 55 -4.01 -8.10 -1.07
N ILE B 56 -3.39 -8.48 -2.18
CA ILE B 56 -3.78 -9.65 -2.94
C ILE B 56 -2.56 -10.56 -3.04
N LEU B 57 -2.71 -11.82 -2.66
CA LEU B 57 -1.64 -12.78 -2.85
C LEU B 57 -1.81 -13.48 -4.19
N ALA B 58 -0.69 -13.71 -4.89
CA ALA B 58 -0.69 -14.46 -6.14
C ALA B 58 0.29 -15.59 -6.03
N GLY B 59 -0.06 -16.77 -6.53
CA GLY B 59 0.83 -17.91 -6.45
C GLY B 59 0.48 -19.11 -7.30
N LYS B 60 1.49 -19.92 -7.56
CA LYS B 60 1.32 -21.19 -8.27
C LYS B 60 2.23 -22.24 -7.64
N GLY B 61 1.89 -23.52 -7.83
CA GLY B 61 2.72 -24.59 -7.32
C GLY B 61 4.07 -24.67 -8.04
N ALA B 62 4.87 -25.68 -7.68
CA ALA B 62 6.16 -25.88 -8.32
C ALA B 62 6.03 -26.78 -9.55
N GLU B 63 4.83 -27.32 -9.75
CA GLU B 63 4.55 -28.25 -10.85
C GLU B 63 4.82 -27.65 -12.23
N THR B 68 -1.73 -20.63 -11.30
CA THR B 68 -1.67 -19.33 -10.64
C THR B 68 -3.04 -18.80 -10.25
N SER B 69 -3.29 -18.69 -8.96
CA SER B 69 -4.53 -18.14 -8.46
C SER B 69 -4.22 -16.94 -7.58
N THR B 70 -5.25 -16.15 -7.25
CA THR B 70 -5.08 -15.02 -6.35
C THR B 70 -6.13 -15.02 -5.26
N THR B 71 -5.85 -14.37 -4.15
CA THR B 71 -6.83 -14.22 -3.10
C THR B 71 -7.81 -13.14 -3.51
N PRO B 72 -9.10 -13.32 -3.22
CA PRO B 72 -10.05 -12.34 -3.75
C PRO B 72 -9.91 -10.96 -3.11
N PHE B 73 -10.28 -9.93 -3.85
CA PHE B 73 -10.34 -8.60 -3.29
C PHE B 73 -11.77 -8.10 -3.35
N GLY B 74 -12.04 -6.99 -2.70
CA GLY B 74 -13.37 -6.44 -2.68
C GLY B 74 -13.40 -4.94 -2.87
N VAL B 75 -14.60 -4.43 -3.13
CA VAL B 75 -14.83 -3.01 -3.16
C VAL B 75 -16.13 -2.75 -2.41
N GLU B 76 -16.09 -1.78 -1.51
CA GLU B 76 -17.25 -1.43 -0.75
C GLU B 76 -17.65 -0.02 -1.12
N LEU B 77 -18.90 0.13 -1.56
CA LEU B 77 -19.39 1.41 -2.05
C LEU B 77 -20.64 1.84 -1.29
N GLN B 78 -20.72 3.14 -1.01
CA GLN B 78 -21.89 3.72 -0.36
C GLN B 78 -22.97 3.99 -1.38
N GLN B 79 -22.56 4.20 -2.62
CA GLN B 79 -23.49 4.53 -3.70
C GLN B 79 -23.13 3.74 -4.96
N PRO B 80 -24.08 3.62 -5.91
CA PRO B 80 -23.69 2.92 -7.14
C PRO B 80 -22.60 3.72 -7.85
N ALA B 81 -21.71 3.04 -8.57
CA ALA B 81 -20.64 3.77 -9.22
C ALA B 81 -20.81 3.77 -10.72
N ASP B 82 -20.53 4.93 -11.31
CA ASP B 82 -20.55 5.10 -12.75
C ASP B 82 -19.18 4.72 -13.29
N LYS B 83 -18.22 4.59 -12.38
CA LYS B 83 -16.82 4.36 -12.77
C LYS B 83 -16.04 3.74 -11.61
N VAL B 84 -15.49 2.54 -11.83
CA VAL B 84 -14.63 1.89 -10.83
C VAL B 84 -13.35 1.37 -11.47
N THR B 85 -12.21 1.92 -11.05
CA THR B 85 -10.92 1.47 -11.58
C THR B 85 -10.04 0.95 -10.45
N ALA B 86 -9.28 -0.09 -10.75
CA ALA B 86 -8.40 -0.70 -9.76
C ALA B 86 -6.97 -0.77 -10.28
N THR B 87 -6.05 -0.30 -9.44
CA THR B 87 -4.63 -0.33 -9.77
C THR B 87 -3.91 -1.37 -8.90
N ILE B 88 -3.19 -2.28 -9.55
CA ILE B 88 -2.48 -3.32 -8.83
C ILE B 88 -0.96 -3.10 -8.93
N THR B 89 -0.30 -3.05 -7.79
CA THR B 89 1.13 -2.80 -7.75
C THR B 89 1.86 -3.95 -7.08
N ASP B 90 3.11 -4.18 -7.47
CA ASP B 90 3.93 -5.21 -6.83
C ASP B 90 4.72 -4.68 -5.63
N LYS B 91 5.54 -5.54 -5.04
CA LYS B 91 6.29 -5.21 -3.84
C LYS B 91 7.23 -4.00 -4.02
N ASP B 92 7.82 -3.86 -5.20
CA ASP B 92 8.65 -2.68 -5.49
C ASP B 92 7.82 -1.44 -5.73
N GLY B 93 6.52 -1.63 -5.86
CA GLY B 93 5.59 -0.52 -6.00
C GLY B 93 5.18 -0.20 -7.44
N ARG B 94 5.63 -1.00 -8.39
CA ARG B 94 5.29 -0.78 -9.79
C ARG B 94 3.88 -1.24 -10.13
N VAL B 95 3.25 -0.58 -11.09
CA VAL B 95 1.92 -0.99 -11.53
C VAL B 95 2.02 -2.13 -12.52
N VAL B 96 1.50 -3.29 -12.14
CA VAL B 96 1.55 -4.44 -13.03
C VAL B 96 0.21 -4.59 -13.76
N ARG B 97 -0.83 -3.97 -13.23
CA ARG B 97 -2.14 -4.10 -13.85
C ARG B 97 -3.13 -3.03 -13.42
N THR B 98 -3.81 -2.48 -14.40
CA THR B 98 -4.93 -1.57 -14.20
C THR B 98 -6.20 -2.22 -14.73
N LEU B 99 -7.21 -2.36 -13.88
CA LEU B 99 -8.45 -3.03 -14.29
C LEU B 99 -9.66 -2.09 -14.38
N GLU B 100 -10.44 -2.24 -15.44
CA GLU B 100 -11.70 -1.52 -15.50
C GLU B 100 -12.83 -2.34 -14.90
N ILE B 101 -13.15 -2.07 -13.64
CA ILE B 101 -14.31 -2.67 -13.05
C ILE B 101 -15.53 -2.04 -13.71
N GLY B 102 -16.41 -2.88 -14.23
CA GLY B 102 -17.64 -2.39 -14.82
C GLY B 102 -18.40 -1.66 -13.73
N GLU B 103 -19.32 -0.80 -14.12
CA GLU B 103 -20.13 -0.07 -13.15
C GLU B 103 -20.71 -1.03 -12.11
N LEU B 104 -20.92 -0.55 -10.90
CA LEU B 104 -21.29 -1.44 -9.81
C LEU B 104 -22.41 -0.90 -8.95
N ARG B 105 -23.31 -1.78 -8.51
CA ARG B 105 -24.31 -1.42 -7.53
C ARG B 105 -23.63 -1.06 -6.23
N ALA B 106 -24.33 -0.35 -5.35
CA ALA B 106 -23.76 -0.04 -4.05
C ALA B 106 -23.60 -1.31 -3.23
N GLY B 107 -22.88 -1.22 -2.13
CA GLY B 107 -22.67 -2.36 -1.27
C GLY B 107 -21.29 -2.97 -1.41
N VAL B 108 -21.20 -4.25 -1.04
CA VAL B 108 -19.97 -4.97 -1.09
C VAL B 108 -19.93 -5.89 -2.31
N HIS B 109 -18.80 -5.90 -3.01
CA HIS B 109 -18.61 -6.82 -4.13
C HIS B 109 -17.21 -7.39 -4.08
N THR B 110 -17.09 -8.68 -4.32
CA THR B 110 -15.78 -9.31 -4.33
C THR B 110 -15.45 -9.76 -5.73
N PHE B 111 -14.15 -9.85 -6.02
CA PHE B 111 -13.69 -10.26 -7.32
C PHE B 111 -12.41 -11.09 -7.18
N THR B 112 -12.09 -11.85 -8.22
CA THR B 112 -10.85 -12.59 -8.28
C THR B 112 -10.04 -12.14 -9.48
N TRP B 113 -8.93 -11.48 -9.21
CA TRP B 113 -7.96 -11.08 -10.22
C TRP B 113 -7.35 -12.32 -10.86
N ASP B 114 -7.22 -12.32 -12.18
CA ASP B 114 -6.67 -13.49 -12.88
C ASP B 114 -5.15 -13.59 -12.73
N GLY B 115 -4.57 -12.61 -12.04
CA GLY B 115 -3.14 -12.62 -11.78
C GLY B 115 -2.26 -12.35 -12.99
N LYS B 116 -2.83 -11.82 -14.06
CA LYS B 116 -2.03 -11.47 -15.23
C LYS B 116 -1.68 -10.00 -15.18
N GLN B 117 -0.47 -9.65 -15.61
CA GLN B 117 -0.15 -8.23 -15.73
C GLN B 117 -0.55 -7.70 -17.10
N THR B 118 -0.31 -6.42 -17.31
CA THR B 118 -0.73 -5.69 -18.48
C THR B 118 -0.41 -6.40 -19.80
N ASP B 119 0.79 -6.97 -19.92
CA ASP B 119 1.22 -7.61 -21.18
C ASP B 119 0.56 -9.00 -21.37
N GLY B 120 -0.26 -9.41 -20.41
CA GLY B 120 -1.04 -10.63 -20.54
C GLY B 120 -0.44 -11.88 -19.92
N THR B 121 0.68 -11.71 -19.22
CA THR B 121 1.37 -12.84 -18.60
C THR B 121 1.15 -12.91 -17.09
N THR B 122 1.29 -14.13 -16.56
CA THR B 122 1.22 -14.39 -15.13
C THR B 122 2.27 -13.61 -14.32
N VAL B 123 1.89 -13.03 -13.20
CA VAL B 123 2.84 -12.36 -12.30
C VAL B 123 3.58 -13.38 -11.43
N PRO B 124 4.76 -12.99 -10.93
CA PRO B 124 5.50 -13.85 -9.99
C PRO B 124 4.73 -14.09 -8.71
N ASN B 125 4.94 -15.25 -8.08
CA ASN B 125 4.44 -15.48 -6.73
C ASN B 125 4.77 -14.31 -5.83
N GLY B 126 3.86 -13.96 -4.93
CA GLY B 126 4.12 -12.86 -4.01
C GLY B 126 2.91 -12.00 -3.69
N SER B 127 3.14 -10.84 -3.08
CA SER B 127 2.07 -9.94 -2.67
C SER B 127 1.93 -8.71 -3.56
N TYR B 128 0.69 -8.29 -3.73
CA TYR B 128 0.34 -7.19 -4.63
C TYR B 128 -0.65 -6.34 -3.88
N ASN B 129 -0.79 -5.07 -4.28
CA ASN B 129 -1.66 -4.17 -3.55
C ASN B 129 -2.57 -3.42 -4.49
N ILE B 130 -3.86 -3.44 -4.17
CA ILE B 130 -4.84 -2.81 -5.03
C ILE B 130 -5.22 -1.43 -4.52
N ALA B 131 -5.47 -0.51 -5.44
CA ALA B 131 -6.04 0.78 -5.12
C ALA B 131 -7.24 0.97 -6.01
N ILE B 132 -8.26 1.61 -5.48
CA ILE B 132 -9.50 1.74 -6.22
C ILE B 132 -10.00 3.17 -6.13
N THR B 133 -10.35 3.73 -7.29
CA THR B 133 -11.00 5.03 -7.33
C THR B 133 -12.38 4.85 -7.94
N ALA B 134 -13.34 5.68 -7.51
CA ALA B 134 -14.72 5.53 -7.92
C ALA B 134 -15.43 6.88 -8.05
N SER B 135 -16.36 6.97 -9.01
CA SER B 135 -17.10 8.22 -9.23
C SER B 135 -18.52 7.96 -9.73
N LEU B 141 -16.36 9.35 -5.63
CA LEU B 141 -16.87 8.41 -4.63
C LEU B 141 -15.77 7.87 -3.73
N VAL B 142 -16.09 7.68 -2.45
CA VAL B 142 -15.21 6.96 -1.54
C VAL B 142 -15.30 5.46 -1.80
N ALA B 143 -14.18 4.85 -2.19
CA ALA B 143 -14.17 3.41 -2.35
C ALA B 143 -13.34 2.78 -1.25
N GLN B 144 -13.92 1.80 -0.59
CA GLN B 144 -13.22 1.06 0.44
C GLN B 144 -12.80 -0.30 -0.09
N PRO B 145 -11.49 -0.47 -0.35
CA PRO B 145 -11.03 -1.80 -0.77
C PRO B 145 -11.08 -2.77 0.37
N LEU B 146 -11.22 -4.05 0.00
CA LEU B 146 -11.28 -5.14 0.95
C LEU B 146 -10.28 -6.17 0.53
N GLN B 147 -9.74 -6.90 1.50
CA GLN B 147 -8.76 -7.92 1.17
C GLN B 147 -9.21 -9.20 1.83
N PHE B 148 -8.75 -10.33 1.31
CA PHE B 148 -9.01 -11.61 1.97
C PHE B 148 -7.95 -11.84 3.07
N ALA B 149 -8.37 -12.40 4.20
CA ALA B 149 -7.43 -12.80 5.25
C ALA B 149 -7.97 -14.03 5.99
N LEU B 150 -7.04 -14.89 6.38
CA LEU B 150 -7.37 -16.04 7.20
C LEU B 150 -7.32 -15.62 8.67
N VAL B 151 -8.36 -15.94 9.43
CA VAL B 151 -8.33 -15.69 10.87
C VAL B 151 -7.47 -16.75 11.53
N GLN B 152 -6.34 -16.32 12.11
CA GLN B 152 -5.40 -17.26 12.71
C GLN B 152 -5.55 -17.41 14.22
N GLY B 153 -6.30 -16.51 14.85
CA GLY B 153 -6.48 -16.64 16.28
C GLY B 153 -7.27 -15.48 16.83
N VAL B 154 -7.52 -15.51 18.14
CA VAL B 154 -8.18 -14.40 18.79
C VAL B 154 -7.26 -13.87 19.86
N THR B 155 -7.05 -12.57 19.87
CA THR B 155 -6.16 -11.96 20.84
C THR B 155 -6.96 -11.12 21.83
N LYS B 156 -6.86 -11.46 23.11
CA LYS B 156 -7.58 -10.74 24.14
C LYS B 156 -6.93 -9.39 24.39
N GLY B 157 -7.38 -8.39 23.64
CA GLY B 157 -6.78 -7.06 23.68
C GLY B 157 -7.18 -6.26 24.89
N SER B 158 -7.32 -4.94 24.71
CA SER B 158 -7.71 -4.07 25.81
C SER B 158 -9.18 -3.66 25.74
N ASN B 159 -9.64 -3.34 24.54
CA ASN B 159 -11.03 -2.93 24.35
C ASN B 159 -11.88 -4.10 23.89
N GLY B 160 -11.42 -5.31 24.20
CA GLY B 160 -12.12 -6.53 23.81
C GLY B 160 -11.28 -7.45 22.95
N ASN B 161 -11.91 -8.52 22.47
CA ASN B 161 -11.26 -9.51 21.62
C ASN B 161 -10.86 -8.94 20.26
N LEU B 162 -9.67 -9.30 19.78
CA LEU B 162 -9.23 -8.90 18.45
C LEU B 162 -9.06 -10.14 17.58
N LEU B 163 -9.36 -10.02 16.29
CA LEU B 163 -9.04 -11.09 15.35
C LEU B 163 -7.58 -11.01 14.93
N ASP B 164 -6.89 -12.13 14.96
CA ASP B 164 -5.48 -12.16 14.57
C ASP B 164 -5.41 -12.61 13.13
N LEU B 165 -4.94 -11.71 12.27
CA LEU B 165 -4.88 -11.98 10.84
C LEU B 165 -3.45 -12.23 10.40
N GLY B 166 -2.63 -12.70 11.35
CA GLY B 166 -1.22 -12.97 11.08
C GLY B 166 -0.50 -11.76 10.55
N THR B 167 0.01 -11.88 9.33
CA THR B 167 0.75 -10.84 8.64
C THR B 167 -0.02 -9.52 8.54
N TYR B 168 -1.32 -9.60 8.35
CA TYR B 168 -2.10 -8.40 8.10
C TYR B 168 -2.34 -7.61 9.37
N GLY B 169 -2.01 -8.20 10.51
CA GLY B 169 -2.19 -7.52 11.78
C GLY B 169 -3.48 -7.96 12.45
N THR B 170 -4.06 -7.09 13.25
CA THR B 170 -5.27 -7.46 13.95
C THR B 170 -6.44 -6.60 13.48
N THR B 171 -7.66 -7.07 13.76
CA THR B 171 -8.82 -6.21 13.57
C THR B 171 -9.96 -6.58 14.52
N THR B 172 -10.88 -5.65 14.66
CA THR B 172 -12.06 -5.86 15.47
C THR B 172 -13.11 -6.57 14.65
N LEU B 173 -14.05 -7.21 15.35
CA LEU B 173 -15.07 -8.02 14.73
C LEU B 173 -15.97 -7.22 13.80
N ASP B 174 -16.26 -5.98 14.18
CA ASP B 174 -17.18 -5.18 13.39
C ASP B 174 -16.59 -4.75 12.04
N GLU B 175 -15.32 -5.05 11.79
CA GLU B 175 -14.76 -4.68 10.49
C GLU B 175 -14.94 -5.80 9.49
N VAL B 176 -15.43 -6.94 9.96
CA VAL B 176 -15.59 -8.06 9.04
C VAL B 176 -16.79 -7.78 8.10
N ARG B 177 -16.56 -7.78 6.79
CA ARG B 177 -17.61 -7.54 5.78
C ARG B 177 -18.25 -8.84 5.29
N GLN B 178 -17.50 -9.93 5.39
CA GLN B 178 -17.95 -11.19 4.86
C GLN B 178 -17.07 -12.29 5.44
N ILE B 179 -17.71 -13.41 5.77
CA ILE B 179 -17.04 -14.58 6.29
C ILE B 179 -17.02 -15.62 5.20
N ILE B 180 -15.86 -16.22 4.97
CA ILE B 180 -15.75 -17.33 4.06
C ILE B 180 -15.55 -18.59 4.91
#